data_3O2I
#
_entry.id   3O2I
#
_cell.length_a   50.485
_cell.length_b   91.630
_cell.length_c   171.779
_cell.angle_alpha   90.00
_cell.angle_beta   90.00
_cell.angle_gamma   90.00
#
_symmetry.space_group_name_H-M   'C 2 2 21'
#
loop_
_entity.id
_entity.type
_entity.pdbx_description
1 polymer 'Uncharacterized protein'
2 non-polymer 2,3-DIHYDROXY-1,4-DITHIOBUTANE
3 non-polymer DI(HYDROXYETHYL)ETHER
4 water water
#
_entity_poly.entity_id   1
_entity_poly.type   'polypeptide(L)'
_entity_poly.pdbx_seq_one_letter_code
;(MSE)GSSHHHHHHSSGRENLYFQG(MSE)RGDD(MSE)HIYELVSRDRTHPVRIYLLHSEYWTEDEFYNLLLEAFQRSS
ASDWHLQILEVSKYLVTAHGFVEAGGLQEIGFPGELSKTEVRRRINAFLGKDRSDGS
;
_entity_poly.pdbx_strand_id   A,B,C
#
# COMPACT_ATOMS: atom_id res chain seq x y z
N ASP A 26 -2.37 2.83 -11.14
CA ASP A 26 -1.69 3.19 -9.90
C ASP A 26 -1.40 4.69 -9.82
N HIS A 28 1.03 7.91 -7.49
CA HIS A 28 2.22 8.10 -6.67
C HIS A 28 2.30 9.48 -6.02
N ILE A 29 2.80 9.53 -4.79
CA ILE A 29 2.87 10.81 -4.09
C ILE A 29 4.26 11.44 -4.04
N TYR A 30 4.31 12.73 -4.36
CA TYR A 30 5.53 13.53 -4.37
C TYR A 30 5.35 14.73 -3.48
N GLU A 31 6.10 14.74 -2.39
CA GLU A 31 5.96 15.76 -1.37
C GLU A 31 7.16 16.71 -1.36
N LEU A 32 6.88 18.01 -1.38
CA LEU A 32 7.92 19.02 -1.31
C LEU A 32 7.80 19.65 0.06
N VAL A 33 8.91 19.75 0.75
CA VAL A 33 8.88 20.31 2.08
C VAL A 33 9.76 21.54 2.18
N SER A 34 9.25 22.57 2.85
CA SER A 34 10.03 23.74 3.19
C SER A 34 10.09 23.86 4.70
N ARG A 35 11.26 23.61 5.25
CA ARG A 35 11.43 23.56 6.70
C ARG A 35 11.57 24.96 7.30
N ASP A 36 10.96 25.18 8.46
CA ASP A 36 11.01 26.49 9.09
C ASP A 36 10.78 26.36 10.58
N ARG A 37 11.26 27.35 11.33
CA ARG A 37 11.09 27.40 12.78
C ARG A 37 9.64 27.48 13.22
N THR A 38 8.83 28.18 12.43
CA THR A 38 7.44 28.46 12.81
C THR A 38 6.42 28.07 11.73
N HIS A 39 6.74 28.35 10.47
CA HIS A 39 5.81 28.08 9.38
C HIS A 39 6.33 27.07 8.36
N PRO A 40 6.52 25.81 8.79
CA PRO A 40 6.89 24.76 7.84
C PRO A 40 5.78 24.61 6.81
N VAL A 41 6.14 24.19 5.61
CA VAL A 41 5.18 24.05 4.52
C VAL A 41 5.39 22.69 3.88
N ARG A 42 4.33 21.89 3.83
CA ARG A 42 4.36 20.65 3.09
C ARG A 42 3.38 20.72 1.93
N ILE A 43 3.84 20.34 0.76
CA ILE A 43 3.00 20.31 -0.43
C ILE A 43 3.00 18.88 -0.93
N TYR A 44 1.82 18.32 -1.16
CA TYR A 44 1.70 16.94 -1.64
C TYR A 44 1.18 16.93 -3.06
N LEU A 45 1.95 16.32 -3.95
CA LEU A 45 1.59 16.24 -5.35
C LEU A 45 1.35 14.79 -5.71
N LEU A 46 0.35 14.56 -6.56
CA LEU A 46 0.03 13.23 -7.03
C LEU A 46 0.39 13.16 -8.49
N HIS A 47 0.84 11.98 -8.92
CA HIS A 47 1.04 11.74 -10.32
C HIS A 47 0.68 10.30 -10.64
N SER A 48 0.15 10.08 -11.83
CA SER A 48 -0.19 8.76 -12.32
C SER A 48 1.07 7.92 -12.49
N GLU A 49 2.18 8.57 -12.82
CA GLU A 49 3.38 7.87 -13.24
C GLU A 49 4.41 7.92 -12.14
N TYR A 50 5.29 6.93 -12.13
CA TYR A 50 6.33 6.85 -11.13
C TYR A 50 7.58 7.54 -11.66
N TRP A 51 8.12 8.45 -10.85
CA TRP A 51 9.40 9.10 -11.12
C TRP A 51 10.39 8.69 -10.04
N THR A 52 11.61 8.35 -10.42
CA THR A 52 12.65 8.08 -9.44
C THR A 52 12.97 9.38 -8.70
N GLU A 53 13.64 9.28 -7.56
CA GLU A 53 14.13 10.46 -6.85
C GLU A 53 14.98 11.37 -7.75
N ASP A 54 15.88 10.78 -8.52
CA ASP A 54 16.74 11.58 -9.42
C ASP A 54 15.90 12.38 -10.40
N GLU A 55 14.94 11.70 -11.02
CA GLU A 55 14.05 12.35 -11.97
C GLU A 55 13.24 13.48 -11.32
N PHE A 56 12.81 13.25 -10.08
CA PHE A 56 12.10 14.24 -9.28
C PHE A 56 13.00 15.46 -9.03
N TYR A 57 14.25 15.21 -8.65
CA TYR A 57 15.23 16.29 -8.52
C TYR A 57 15.44 17.03 -9.85
N ASN A 58 15.60 16.31 -10.94
CA ASN A 58 15.73 16.96 -12.22
C ASN A 58 14.54 17.84 -12.55
N LEU A 59 13.36 17.44 -12.07
CA LEU A 59 12.17 18.25 -12.31
C LEU A 59 12.34 19.61 -11.65
N LEU A 60 12.96 19.64 -10.47
CA LEU A 60 13.22 20.91 -9.79
C LEU A 60 14.16 21.81 -10.60
N LEU A 61 15.24 21.21 -11.13
CA LEU A 61 16.17 21.97 -11.97
C LEU A 61 15.41 22.49 -13.18
N GLU A 62 14.54 21.66 -13.75
CA GLU A 62 13.76 22.09 -14.89
C GLU A 62 12.94 23.33 -14.55
N ALA A 63 12.25 23.28 -13.41
CA ALA A 63 11.48 24.43 -12.92
C ALA A 63 12.37 25.65 -12.63
N PHE A 64 13.59 25.41 -12.14
CA PHE A 64 14.51 26.50 -11.80
C PHE A 64 14.83 27.37 -13.02
N GLN A 65 14.85 26.77 -14.20
CA GLN A 65 15.06 27.50 -15.46
C GLN A 65 14.02 28.59 -15.68
N ARG A 66 12.82 28.38 -15.16
CA ARG A 66 11.70 29.27 -15.40
C ARG A 66 11.40 30.19 -14.21
N SER A 67 11.88 29.80 -13.03
CA SER A 67 11.43 30.42 -11.80
C SER A 67 12.27 31.62 -11.39
N SER A 68 11.77 32.38 -10.43
CA SER A 68 12.46 33.53 -9.90
C SER A 68 13.75 33.11 -9.19
N ALA A 69 14.43 34.09 -8.61
CA ALA A 69 15.66 33.83 -7.87
C ALA A 69 15.38 33.71 -6.36
N SER A 70 14.11 33.53 -6.00
CA SER A 70 13.70 33.52 -4.60
C SER A 70 14.33 32.40 -3.75
N ASP A 71 14.38 32.64 -2.45
CA ASP A 71 14.76 31.63 -1.46
C ASP A 71 13.74 30.47 -1.48
N TRP A 72 14.06 29.38 -0.80
CA TRP A 72 13.29 28.17 -0.96
C TRP A 72 11.82 28.36 -0.53
N HIS A 73 11.57 29.06 0.58
CA HIS A 73 10.18 29.21 1.05
C HIS A 73 9.23 29.80 0.02
N LEU A 74 9.76 30.54 -0.96
CA LEU A 74 8.94 31.02 -2.08
C LEU A 74 9.10 30.09 -3.28
N GLN A 75 10.34 29.67 -3.50
CA GLN A 75 10.67 28.78 -4.61
C GLN A 75 9.79 27.54 -4.63
N ILE A 76 9.56 26.96 -3.46
CA ILE A 76 8.76 25.75 -3.36
C ILE A 76 7.39 25.91 -4.03
N LEU A 77 6.77 27.07 -3.84
CA LEU A 77 5.47 27.36 -4.44
C LEU A 77 5.58 27.45 -5.96
N GLU A 78 6.68 28.03 -6.45
CA GLU A 78 6.89 28.14 -7.88
C GLU A 78 7.15 26.77 -8.48
N VAL A 79 7.95 25.96 -7.80
CA VAL A 79 8.20 24.61 -8.29
C VAL A 79 6.89 23.81 -8.37
N SER A 80 6.08 23.86 -7.31
CA SER A 80 4.80 23.16 -7.31
CA SER A 80 4.79 23.17 -7.31
C SER A 80 3.96 23.55 -8.53
N LYS A 81 3.72 24.85 -8.71
CA LYS A 81 2.94 25.33 -9.85
C LYS A 81 3.52 24.86 -11.17
N TYR A 82 4.85 24.77 -11.25
CA TYR A 82 5.45 24.34 -12.50
C TYR A 82 5.22 22.87 -12.75
N LEU A 83 5.38 22.06 -11.70
CA LEU A 83 5.14 20.64 -11.85
C LEU A 83 3.69 20.39 -12.26
N VAL A 84 2.77 21.15 -11.66
CA VAL A 84 1.35 20.98 -11.98
C VAL A 84 1.03 21.33 -13.43
N THR A 85 1.47 22.49 -13.89
CA THR A 85 1.00 23.02 -15.16
C THR A 85 1.77 22.46 -16.36
N ALA A 86 2.97 21.97 -16.10
CA ALA A 86 3.86 21.52 -17.17
C ALA A 86 4.07 20.01 -17.17
N HIS A 87 3.73 19.34 -16.08
CA HIS A 87 4.03 17.91 -15.99
C HIS A 87 2.88 17.03 -15.52
N GLY A 88 1.70 17.61 -15.36
CA GLY A 88 0.51 16.83 -15.08
C GLY A 88 0.44 16.33 -13.65
N PHE A 89 1.21 16.95 -12.77
CA PHE A 89 1.11 16.68 -11.35
C PHE A 89 -0.18 17.31 -10.85
N VAL A 90 -0.76 16.75 -9.80
CA VAL A 90 -1.98 17.31 -9.24
C VAL A 90 -1.78 17.51 -7.76
N GLU A 91 -2.10 18.71 -7.28
CA GLU A 91 -1.95 19.01 -5.87
C GLU A 91 -3.00 18.29 -5.01
N ALA A 92 -2.55 17.68 -3.92
CA ALA A 92 -3.46 17.07 -2.95
C ALA A 92 -3.70 18.08 -1.84
N GLY A 93 -4.82 17.94 -1.16
CA GLY A 93 -5.20 18.87 -0.10
C GLY A 93 -4.40 18.70 1.18
N GLY A 94 -3.83 17.52 1.38
CA GLY A 94 -3.05 17.28 2.57
C GLY A 94 -3.02 15.82 2.96
N LEU A 95 -2.55 15.54 4.16
CA LEU A 95 -2.28 14.18 4.58
C LEU A 95 -2.62 14.00 6.04
N GLN A 96 -3.33 12.93 6.32
CA GLN A 96 -3.68 12.55 7.68
C GLN A 96 -3.13 11.16 7.90
N GLU A 97 -2.77 10.86 9.15
CA GLU A 97 -2.06 9.62 9.43
C GLU A 97 -2.44 9.00 10.77
N ILE A 98 -2.55 7.67 10.80
CA ILE A 98 -2.71 6.94 12.05
C ILE A 98 -1.71 5.80 12.10
N GLY A 99 -1.03 5.68 13.24
CA GLY A 99 -0.02 4.65 13.39
C GLY A 99 -0.07 3.94 14.73
N PHE A 100 0.29 2.66 14.71
CA PHE A 100 0.39 1.89 15.94
C PHE A 100 1.60 0.97 15.83
N PRO A 101 2.12 0.51 16.99
CA PRO A 101 3.21 -0.47 16.94
C PRO A 101 2.77 -1.69 16.16
N GLY A 102 3.66 -2.23 15.34
CA GLY A 102 3.32 -3.40 14.55
C GLY A 102 2.96 -4.59 15.42
N GLU A 103 3.55 -4.64 16.61
CA GLU A 103 3.36 -5.77 17.50
C GLU A 103 2.06 -5.67 18.27
N LEU A 104 1.38 -4.53 18.19
CA LEU A 104 0.22 -4.28 19.03
C LEU A 104 -0.95 -5.19 18.66
N SER A 105 -1.64 -5.71 19.68
CA SER A 105 -2.76 -6.59 19.45
C SER A 105 -3.94 -5.81 18.93
N LYS A 106 -4.86 -6.49 18.27
CA LYS A 106 -6.04 -5.84 17.73
C LYS A 106 -6.90 -5.28 18.87
N THR A 107 -6.77 -5.88 20.04
CA THR A 107 -7.49 -5.48 21.24
C THR A 107 -7.05 -4.13 21.78
N GLU A 108 -5.74 -3.94 21.88
CA GLU A 108 -5.21 -2.68 22.36
C GLU A 108 -5.37 -1.56 21.31
N VAL A 109 -5.30 -1.91 20.03
CA VAL A 109 -5.54 -0.92 18.98
C VAL A 109 -6.93 -0.33 19.19
N ARG A 110 -7.92 -1.21 19.35
CA ARG A 110 -9.29 -0.77 19.57
C ARG A 110 -9.37 0.19 20.77
N ARG A 111 -8.67 -0.15 21.85
CA ARG A 111 -8.65 0.67 23.05
C ARG A 111 -8.01 2.05 22.84
N ARG A 112 -6.97 2.12 22.02
CA ARG A 112 -6.35 3.42 21.76
C ARG A 112 -7.27 4.25 20.91
N ILE A 113 -7.94 3.61 19.97
CA ILE A 113 -8.82 4.35 19.07
C ILE A 113 -9.91 4.97 19.92
N ASN A 114 -10.49 4.16 20.81
CA ASN A 114 -11.50 4.64 21.72
C ASN A 114 -10.97 5.72 22.65
N ALA A 115 -9.79 5.51 23.21
CA ALA A 115 -9.22 6.51 24.10
C ALA A 115 -9.14 7.86 23.40
N PHE A 116 -8.71 7.83 22.14
CA PHE A 116 -8.64 9.04 21.34
C PHE A 116 -10.02 9.66 21.10
N LEU A 117 -10.94 8.87 20.56
CA LEU A 117 -12.33 9.30 20.36
C LEU A 117 -12.95 9.69 21.70
N GLY A 118 -13.06 8.74 22.62
CA GLY A 118 -13.61 8.98 23.94
C GLY A 118 -14.72 8.01 24.29
N ASP B 26 -9.88 17.88 -5.68
CA ASP B 26 -8.87 18.11 -4.65
C ASP B 26 -8.79 16.94 -3.66
N HIS B 28 -7.48 13.88 -1.03
CA HIS B 28 -6.85 13.86 0.27
C HIS B 28 -6.16 12.52 0.56
N ILE B 29 -5.07 12.60 1.32
CA ILE B 29 -4.22 11.45 1.59
C ILE B 29 -4.40 10.91 3.00
N TYR B 30 -4.63 9.60 3.12
CA TYR B 30 -4.76 8.93 4.41
C TYR B 30 -3.72 7.84 4.56
N GLU B 31 -2.80 8.04 5.51
CA GLU B 31 -1.74 7.09 5.75
C GLU B 31 -1.96 6.22 6.98
N LEU B 32 -1.66 4.93 6.84
CA LEU B 32 -1.68 3.98 7.95
C LEU B 32 -0.27 3.45 8.16
N VAL B 33 0.20 3.51 9.40
CA VAL B 33 1.57 3.13 9.70
C VAL B 33 1.63 1.95 10.69
N SER B 34 2.43 0.95 10.35
CA SER B 34 2.78 -0.12 11.28
C SER B 34 4.21 0.11 11.72
N ARG B 35 4.38 0.60 12.94
CA ARG B 35 5.69 0.94 13.46
C ARG B 35 6.50 -0.30 13.83
N ASP B 36 7.79 -0.28 13.47
CA ASP B 36 8.68 -1.40 13.71
C ASP B 36 10.13 -0.93 13.60
N ARG B 37 11.03 -1.63 14.26
CA ARG B 37 12.44 -1.24 14.28
C ARG B 37 13.09 -1.27 12.90
N THR B 38 12.88 -2.35 12.17
CA THR B 38 13.55 -2.56 10.88
C THR B 38 12.58 -2.75 9.71
N HIS B 39 11.36 -3.19 10.02
CA HIS B 39 10.36 -3.45 8.99
C HIS B 39 9.05 -2.70 9.20
N PRO B 40 9.08 -1.36 9.06
CA PRO B 40 7.86 -0.57 9.19
C PRO B 40 6.99 -0.72 7.95
N VAL B 41 5.68 -0.57 8.10
CA VAL B 41 4.78 -0.60 6.96
C VAL B 41 4.07 0.73 6.81
N ARG B 42 4.17 1.32 5.62
CA ARG B 42 3.45 2.56 5.33
C ARG B 42 2.47 2.35 4.18
N ILE B 43 1.20 2.60 4.45
CA ILE B 43 0.15 2.50 3.44
C ILE B 43 -0.42 3.87 3.22
N TYR B 44 -0.43 4.30 1.97
CA TYR B 44 -0.97 5.61 1.61
C TYR B 44 -2.24 5.40 0.82
N LEU B 45 -3.36 5.90 1.36
CA LEU B 45 -4.64 5.82 0.67
C LEU B 45 -5.11 7.20 0.22
N LEU B 46 -5.81 7.24 -0.90
CA LEU B 46 -6.32 8.49 -1.44
C LEU B 46 -7.83 8.48 -1.40
N HIS B 47 -8.42 9.64 -1.14
CA HIS B 47 -9.87 9.80 -1.29
C HIS B 47 -10.20 11.18 -1.84
N SER B 48 -11.25 11.25 -2.66
CA SER B 48 -11.66 12.53 -3.22
C SER B 48 -12.28 13.45 -2.17
N GLU B 49 -12.73 12.90 -1.05
CA GLU B 49 -13.32 13.72 0.00
C GLU B 49 -12.47 13.81 1.25
N TYR B 50 -12.71 14.87 2.03
CA TYR B 50 -12.04 15.05 3.30
C TYR B 50 -12.78 14.32 4.40
N TRP B 51 -12.05 13.52 5.17
CA TRP B 51 -12.60 12.86 6.34
C TRP B 51 -11.93 13.51 7.53
N THR B 52 -12.74 13.97 8.49
CA THR B 52 -12.19 14.49 9.76
C THR B 52 -11.35 13.40 10.42
N GLU B 53 -10.52 13.78 11.40
CA GLU B 53 -9.70 12.79 12.08
C GLU B 53 -10.58 11.76 12.82
N ASP B 54 -11.63 12.23 13.47
CA ASP B 54 -12.55 11.32 14.17
C ASP B 54 -13.25 10.34 13.24
N GLU B 55 -13.69 10.83 12.09
CA GLU B 55 -14.29 9.96 11.08
C GLU B 55 -13.27 8.90 10.63
N PHE B 56 -12.03 9.34 10.43
CA PHE B 56 -10.93 8.46 10.05
C PHE B 56 -10.73 7.31 11.07
N TYR B 57 -10.61 7.66 12.35
CA TYR B 57 -10.52 6.65 13.41
C TYR B 57 -11.71 5.71 13.42
N ASN B 58 -12.92 6.26 13.29
CA ASN B 58 -14.15 5.47 13.21
C ASN B 58 -14.18 4.46 12.06
N LEU B 59 -13.54 4.82 10.95
CA LEU B 59 -13.41 3.89 9.82
C LEU B 59 -12.65 2.62 10.22
N LEU B 60 -11.62 2.76 11.05
CA LEU B 60 -10.85 1.61 11.50
C LEU B 60 -11.72 0.69 12.37
N LEU B 61 -12.49 1.28 13.27
CA LEU B 61 -13.44 0.50 14.07
C LEU B 61 -14.32 -0.33 13.13
N GLU B 62 -14.83 0.30 12.06
CA GLU B 62 -15.67 -0.42 11.11
C GLU B 62 -14.93 -1.62 10.55
N ALA B 63 -13.72 -1.40 10.03
CA ALA B 63 -12.90 -2.50 9.52
C ALA B 63 -12.77 -3.64 10.54
N PHE B 64 -12.72 -3.29 11.82
CA PHE B 64 -12.41 -4.26 12.85
C PHE B 64 -13.46 -5.36 13.00
N GLN B 65 -14.52 -5.27 12.22
CA GLN B 65 -15.64 -6.20 12.35
C GLN B 65 -15.54 -7.41 11.41
N ARG B 66 -15.00 -7.20 10.23
CA ARG B 66 -14.90 -8.30 9.27
C ARG B 66 -13.48 -8.84 9.11
N SER B 67 -12.53 -8.31 9.88
CA SER B 67 -11.14 -8.77 9.78
C SER B 67 -10.72 -9.66 10.95
N SER B 68 -9.66 -10.44 10.71
CA SER B 68 -9.14 -11.38 11.70
C SER B 68 -8.51 -10.62 12.86
N ALA B 69 -8.19 -11.35 13.92
CA ALA B 69 -7.63 -10.74 15.13
C ALA B 69 -6.11 -10.75 15.16
N SER B 70 -5.49 -10.49 14.00
CA SER B 70 -4.03 -10.47 13.91
C SER B 70 -3.41 -9.25 14.61
N ASP B 71 -2.08 -9.29 14.77
CA ASP B 71 -1.33 -8.14 15.27
C ASP B 71 -1.25 -7.05 14.19
N TRP B 72 -0.98 -5.82 14.60
CA TRP B 72 -1.13 -4.68 13.70
C TRP B 72 -0.35 -4.88 12.38
N HIS B 73 0.91 -5.32 12.46
CA HIS B 73 1.72 -5.52 11.27
C HIS B 73 1.01 -6.35 10.19
N LEU B 74 0.01 -7.14 10.58
CA LEU B 74 -0.80 -7.88 9.62
C LEU B 74 -2.18 -7.26 9.47
N GLN B 75 -2.74 -6.80 10.59
CA GLN B 75 -4.06 -6.19 10.59
C GLN B 75 -4.13 -4.95 9.70
N ILE B 76 -3.04 -4.17 9.66
CA ILE B 76 -3.00 -2.96 8.87
C ILE B 76 -3.38 -3.26 7.43
N LEU B 77 -2.87 -4.38 6.91
CA LEU B 77 -3.19 -4.84 5.57
C LEU B 77 -4.68 -5.03 5.36
N GLU B 78 -5.35 -5.51 6.42
CA GLU B 78 -6.78 -5.81 6.33
C GLU B 78 -7.63 -4.54 6.36
N VAL B 79 -7.31 -3.63 7.27
CA VAL B 79 -7.96 -2.32 7.34
C VAL B 79 -7.86 -1.58 5.99
N SER B 80 -6.66 -1.56 5.42
CA SER B 80 -6.45 -0.97 4.10
C SER B 80 -7.42 -1.56 3.07
N LYS B 81 -7.48 -2.89 3.02
CA LYS B 81 -8.36 -3.61 2.08
C LYS B 81 -9.82 -3.20 2.22
N TYR B 82 -10.23 -2.91 3.45
CA TYR B 82 -11.63 -2.57 3.74
C TYR B 82 -11.96 -1.14 3.33
N LEU B 83 -11.08 -0.21 3.67
CA LEU B 83 -11.26 1.17 3.22
C LEU B 83 -11.36 1.25 1.70
N VAL B 84 -10.54 0.47 1.00
CA VAL B 84 -10.56 0.47 -0.45
C VAL B 84 -11.88 -0.07 -1.00
N THR B 85 -12.31 -1.22 -0.50
CA THR B 85 -13.50 -1.89 -1.01
C THR B 85 -14.82 -1.25 -0.55
N ALA B 86 -14.86 -0.82 0.69
CA ALA B 86 -16.09 -0.34 1.30
C ALA B 86 -16.34 1.16 1.19
N HIS B 87 -15.28 1.96 1.04
CA HIS B 87 -15.47 3.40 1.11
C HIS B 87 -14.80 4.22 0.01
N GLY B 88 -14.25 3.53 -0.98
CA GLY B 88 -13.77 4.20 -2.19
C GLY B 88 -12.38 4.81 -2.12
N PHE B 89 -11.60 4.42 -1.11
CA PHE B 89 -10.20 4.80 -1.04
C PHE B 89 -9.42 4.05 -2.12
N VAL B 90 -8.44 4.71 -2.70
CA VAL B 90 -7.56 4.05 -3.66
C VAL B 90 -6.16 4.06 -3.08
N GLU B 91 -5.48 2.92 -3.13
CA GLU B 91 -4.15 2.85 -2.53
C GLU B 91 -3.12 3.42 -3.49
N ALA B 92 -2.27 4.30 -2.97
CA ALA B 92 -1.17 4.88 -3.74
C ALA B 92 0.00 3.93 -3.68
N GLY B 93 0.92 4.06 -4.64
CA GLY B 93 2.09 3.21 -4.71
C GLY B 93 3.17 3.56 -3.69
N GLY B 94 3.11 4.76 -3.13
CA GLY B 94 4.11 5.19 -2.19
C GLY B 94 4.32 6.68 -2.22
N LEU B 95 5.28 7.16 -1.44
CA LEU B 95 5.52 8.59 -1.30
C LEU B 95 7.02 8.87 -1.36
N GLN B 96 7.39 9.91 -2.09
CA GLN B 96 8.76 10.35 -2.12
C GLN B 96 8.80 11.82 -1.73
N GLU B 97 9.82 12.18 -1.00
CA GLU B 97 9.89 13.49 -0.39
C GLU B 97 11.19 14.19 -0.79
N ILE B 98 11.08 15.49 -1.02
CA ILE B 98 12.23 16.36 -1.18
C ILE B 98 12.05 17.59 -0.30
N GLY B 99 13.02 17.84 0.59
CA GLY B 99 12.92 19.00 1.47
C GLY B 99 14.20 19.84 1.56
N PHE B 100 14.01 21.13 1.86
CA PHE B 100 15.12 22.06 2.08
C PHE B 100 14.70 23.07 3.15
N PRO B 101 15.69 23.66 3.85
CA PRO B 101 15.32 24.80 4.69
C PRO B 101 14.64 25.86 3.84
N GLY B 102 13.60 26.51 4.37
CA GLY B 102 12.95 27.62 3.67
C GLY B 102 13.91 28.77 3.40
N GLU B 103 14.86 28.97 4.31
CA GLU B 103 15.82 30.04 4.21
C GLU B 103 16.87 29.81 3.11
N LEU B 104 16.95 28.58 2.58
CA LEU B 104 18.02 28.22 1.65
C LEU B 104 17.92 28.92 0.28
N SER B 105 18.98 29.62 -0.12
CA SER B 105 18.98 30.31 -1.41
C SER B 105 18.79 29.33 -2.56
N LYS B 106 18.24 29.81 -3.67
CA LYS B 106 18.11 29.00 -4.87
C LYS B 106 19.45 28.43 -5.36
N THR B 107 20.55 29.16 -5.10
CA THR B 107 21.86 28.67 -5.54
C THR B 107 22.33 27.49 -4.69
N GLU B 108 22.12 27.55 -3.38
CA GLU B 108 22.47 26.42 -2.52
C GLU B 108 21.58 25.20 -2.76
N VAL B 109 20.30 25.44 -3.03
CA VAL B 109 19.39 24.35 -3.38
C VAL B 109 19.93 23.66 -4.61
N ARG B 110 20.20 24.44 -5.65
CA ARG B 110 20.74 23.88 -6.88
C ARG B 110 22.06 23.14 -6.60
N ARG B 111 22.90 23.72 -5.75
CA ARG B 111 24.12 23.06 -5.29
C ARG B 111 23.83 21.67 -4.73
N ARG B 112 22.91 21.59 -3.78
CA ARG B 112 22.60 20.33 -3.13
C ARG B 112 22.04 19.32 -4.13
N ILE B 113 21.20 19.79 -5.05
CA ILE B 113 20.62 18.90 -6.05
C ILE B 113 21.69 18.32 -6.97
N ASN B 114 22.55 19.19 -7.49
CA ASN B 114 23.66 18.72 -8.34
C ASN B 114 24.54 17.69 -7.64
N ALA B 115 24.85 17.93 -6.36
CA ALA B 115 25.67 16.98 -5.63
C ALA B 115 24.98 15.63 -5.54
N PHE B 116 23.65 15.67 -5.35
CA PHE B 116 22.85 14.45 -5.26
C PHE B 116 22.79 13.70 -6.59
N LEU B 117 22.56 14.43 -7.68
CA LEU B 117 22.39 13.83 -9.00
C LEU B 117 23.65 13.24 -9.63
N GLY B 118 24.80 13.77 -9.27
CA GLY B 118 26.02 13.40 -9.96
C GLY B 118 25.85 13.52 -11.47
N LYS B 119 26.06 12.41 -12.17
CA LYS B 119 26.04 12.39 -13.63
C LYS B 119 24.65 12.11 -14.19
N ASP B 120 23.66 12.01 -13.30
CA ASP B 120 22.28 11.76 -13.73
C ASP B 120 21.59 13.09 -14.06
N ARG B 121 22.40 14.13 -14.27
CA ARG B 121 21.92 15.46 -14.67
C ARG B 121 21.71 15.54 -16.18
N ASP C 26 -21.69 -23.23 -10.75
CA ASP C 26 -20.55 -24.14 -10.63
C ASP C 26 -19.21 -23.39 -10.63
N HIS C 28 -15.03 -22.88 -9.76
CA HIS C 28 -13.81 -23.65 -9.95
C HIS C 28 -12.72 -23.08 -9.08
N ILE C 29 -11.85 -23.96 -8.58
CA ILE C 29 -10.84 -23.55 -7.62
C ILE C 29 -9.46 -23.48 -8.28
N TYR C 30 -8.71 -22.43 -7.97
CA TYR C 30 -7.38 -22.24 -8.50
C TYR C 30 -6.46 -21.99 -7.33
N GLU C 31 -5.53 -22.92 -7.14
CA GLU C 31 -4.64 -22.86 -6.00
C GLU C 31 -3.24 -22.49 -6.44
N LEU C 32 -2.62 -21.56 -5.71
CA LEU C 32 -1.21 -21.24 -5.93
C LEU C 32 -0.48 -21.69 -4.70
N VAL C 33 0.62 -22.42 -4.88
CA VAL C 33 1.39 -22.92 -3.75
C VAL C 33 2.83 -22.41 -3.77
N SER C 34 3.29 -21.99 -2.61
CA SER C 34 4.70 -21.65 -2.40
C SER C 34 5.29 -22.74 -1.53
N ARG C 35 6.06 -23.64 -2.13
CA ARG C 35 6.57 -24.79 -1.41
C ARG C 35 7.71 -24.39 -0.48
N ASP C 36 7.70 -24.93 0.72
CA ASP C 36 8.73 -24.64 1.72
C ASP C 36 8.69 -25.71 2.79
N ARG C 37 9.85 -26.03 3.36
CA ARG C 37 9.93 -27.00 4.45
C ARG C 37 9.01 -26.61 5.61
N THR C 38 9.22 -25.40 6.14
CA THR C 38 8.56 -24.99 7.38
C THR C 38 7.42 -23.98 7.21
N HIS C 39 7.44 -23.21 6.12
CA HIS C 39 6.44 -22.15 5.92
C HIS C 39 5.74 -22.20 4.57
N PRO C 40 5.14 -23.34 4.21
CA PRO C 40 4.52 -23.40 2.89
C PRO C 40 3.32 -22.47 2.84
N VAL C 41 3.02 -21.92 1.68
CA VAL C 41 1.88 -21.04 1.53
C VAL C 41 0.94 -21.57 0.45
N ARG C 42 -0.33 -21.71 0.81
CA ARG C 42 -1.34 -22.12 -0.15
C ARG C 42 -2.39 -21.03 -0.23
N ILE C 43 -2.75 -20.68 -1.45
CA ILE C 43 -3.77 -19.66 -1.66
C ILE C 43 -4.81 -20.25 -2.57
N TYR C 44 -6.07 -20.19 -2.16
CA TYR C 44 -7.13 -20.77 -2.96
C TYR C 44 -7.98 -19.65 -3.53
N LEU C 45 -8.10 -19.62 -4.84
CA LEU C 45 -8.94 -18.65 -5.52
C LEU C 45 -10.12 -19.36 -6.16
N LEU C 46 -11.27 -18.71 -6.15
CA LEU C 46 -12.48 -19.23 -6.76
C LEU C 46 -12.80 -18.42 -8.00
N HIS C 47 -13.34 -19.06 -9.02
CA HIS C 47 -13.83 -18.34 -10.17
C HIS C 47 -15.05 -19.06 -10.74
N SER C 48 -16.03 -18.29 -11.21
CA SER C 48 -17.25 -18.89 -11.76
C SER C 48 -16.99 -19.46 -13.16
N GLU C 49 -15.86 -19.06 -13.76
CA GLU C 49 -15.43 -19.57 -15.05
C GLU C 49 -14.42 -20.69 -14.88
N TYR C 50 -14.46 -21.66 -15.79
CA TYR C 50 -13.39 -22.63 -15.90
C TYR C 50 -12.28 -22.07 -16.80
N TRP C 51 -11.06 -22.04 -16.26
CA TRP C 51 -9.89 -21.66 -17.03
C TRP C 51 -9.08 -22.91 -17.35
N THR C 52 -8.63 -23.05 -18.59
CA THR C 52 -7.77 -24.17 -18.93
C THR C 52 -6.47 -24.04 -18.16
N GLU C 53 -5.74 -25.14 -18.01
CA GLU C 53 -4.46 -25.10 -17.34
C GLU C 53 -3.53 -24.08 -18.03
N ASP C 54 -3.51 -24.10 -19.36
CA ASP C 54 -2.70 -23.15 -20.11
C ASP C 54 -3.12 -21.71 -19.85
N GLU C 55 -4.44 -21.48 -19.79
CA GLU C 55 -4.92 -20.12 -19.59
C GLU C 55 -4.48 -19.67 -18.20
N PHE C 56 -4.57 -20.59 -17.24
CA PHE C 56 -4.14 -20.37 -15.87
C PHE C 56 -2.65 -19.97 -15.81
N TYR C 57 -1.79 -20.73 -16.49
CA TYR C 57 -0.38 -20.37 -16.61
C TYR C 57 -0.19 -18.99 -17.24
N ASN C 58 -0.91 -18.72 -18.32
CA ASN C 58 -0.83 -17.41 -18.95
C ASN C 58 -1.23 -16.26 -18.01
N LEU C 59 -2.16 -16.52 -17.09
CA LEU C 59 -2.55 -15.48 -16.14
C LEU C 59 -1.37 -15.09 -15.26
N LEU C 60 -0.56 -16.08 -14.89
CA LEU C 60 0.62 -15.78 -14.11
C LEU C 60 1.52 -14.85 -14.94
N LEU C 61 1.71 -15.17 -16.23
CA LEU C 61 2.56 -14.34 -17.09
C LEU C 61 2.05 -12.90 -17.14
N GLU C 62 0.73 -12.76 -17.31
CA GLU C 62 0.11 -11.45 -17.25
C GLU C 62 0.46 -10.70 -15.97
N ALA C 63 0.29 -11.40 -14.84
CA ALA C 63 0.54 -10.79 -13.54
C ALA C 63 1.99 -10.33 -13.45
N PHE C 64 2.90 -11.16 -13.94
CA PHE C 64 4.35 -10.91 -13.88
C PHE C 64 4.74 -9.58 -14.56
N GLN C 65 3.96 -9.18 -15.57
CA GLN C 65 4.23 -7.94 -16.30
C GLN C 65 3.90 -6.70 -15.48
N ARG C 66 3.16 -6.88 -14.40
CA ARG C 66 2.75 -5.78 -13.53
C ARG C 66 3.35 -5.87 -12.13
N SER C 67 3.92 -7.03 -11.80
CA SER C 67 4.34 -7.30 -10.42
C SER C 67 5.82 -6.94 -10.20
N SER C 68 6.26 -6.99 -8.95
CA SER C 68 7.67 -6.74 -8.66
C SER C 68 8.55 -7.89 -9.14
N ALA C 69 9.86 -7.75 -8.94
CA ALA C 69 10.84 -8.78 -9.27
C ALA C 69 11.17 -9.69 -8.07
N SER C 70 10.23 -9.82 -7.14
CA SER C 70 10.46 -10.61 -5.92
C SER C 70 10.44 -12.12 -6.14
N ASP C 71 11.15 -12.84 -5.28
CA ASP C 71 11.13 -14.31 -5.28
C ASP C 71 9.71 -14.86 -5.03
N TRP C 72 9.51 -16.13 -5.34
CA TRP C 72 8.18 -16.70 -5.41
C TRP C 72 7.35 -16.65 -4.11
N HIS C 73 7.99 -16.87 -2.96
CA HIS C 73 7.25 -16.85 -1.69
C HIS C 73 6.61 -15.48 -1.44
N LEU C 74 7.15 -14.43 -2.07
CA LEU C 74 6.57 -13.09 -1.98
C LEU C 74 5.71 -12.79 -3.20
N GLN C 75 6.24 -13.16 -4.36
CA GLN C 75 5.57 -12.94 -5.63
C GLN C 75 4.16 -13.53 -5.62
N ILE C 76 4.00 -14.67 -4.95
CA ILE C 76 2.72 -15.39 -4.95
C ILE C 76 1.56 -14.47 -4.54
N LEU C 77 1.78 -13.67 -3.50
CA LEU C 77 0.80 -12.70 -3.03
C LEU C 77 0.45 -11.66 -4.11
N GLU C 78 1.46 -11.22 -4.88
CA GLU C 78 1.18 -10.22 -5.91
C GLU C 78 0.38 -10.84 -7.05
N VAL C 79 0.68 -12.08 -7.38
CA VAL C 79 -0.05 -12.79 -8.42
C VAL C 79 -1.52 -12.96 -8.01
N SER C 80 -1.75 -13.37 -6.77
CA SER C 80 -3.11 -13.54 -6.26
C SER C 80 -3.86 -12.21 -6.33
N LYS C 81 -3.23 -11.19 -5.77
CA LYS C 81 -3.75 -9.83 -5.79
C LYS C 81 -4.22 -9.46 -7.19
N TYR C 82 -3.38 -9.71 -8.19
CA TYR C 82 -3.67 -9.32 -9.58
C TYR C 82 -4.85 -10.12 -10.15
N LEU C 83 -4.88 -11.42 -9.85
CA LEU C 83 -6.00 -12.24 -10.32
C LEU C 83 -7.32 -11.76 -9.72
N VAL C 84 -7.30 -11.37 -8.45
CA VAL C 84 -8.52 -10.89 -7.79
C VAL C 84 -8.99 -9.58 -8.41
N THR C 85 -8.07 -8.61 -8.48
CA THR C 85 -8.40 -7.27 -8.96
C THR C 85 -8.69 -7.23 -10.45
N ALA C 86 -7.91 -7.95 -11.24
CA ALA C 86 -7.99 -7.85 -12.69
C ALA C 86 -8.86 -8.90 -13.37
N HIS C 87 -9.10 -10.04 -12.71
CA HIS C 87 -9.85 -11.09 -13.39
C HIS C 87 -11.05 -11.67 -12.63
N GLY C 88 -11.40 -11.04 -11.51
CA GLY C 88 -12.65 -11.36 -10.83
C GLY C 88 -12.57 -12.67 -10.05
N PHE C 89 -11.36 -13.14 -9.76
CA PHE C 89 -11.13 -14.27 -8.86
C PHE C 89 -11.48 -13.82 -7.47
N VAL C 90 -11.89 -14.75 -6.64
CA VAL C 90 -12.21 -14.44 -5.25
C VAL C 90 -11.36 -15.35 -4.38
N GLU C 91 -10.73 -14.77 -3.37
CA GLU C 91 -9.92 -15.56 -2.45
C GLU C 91 -10.81 -16.32 -1.46
N ALA C 92 -10.61 -17.64 -1.37
CA ALA C 92 -11.26 -18.44 -0.34
C ALA C 92 -10.43 -18.36 0.94
N GLY C 93 -11.05 -18.67 2.06
CA GLY C 93 -10.38 -18.53 3.35
C GLY C 93 -9.35 -19.62 3.59
N GLY C 94 -9.55 -20.75 2.95
CA GLY C 94 -8.72 -21.93 3.20
C GLY C 94 -9.47 -23.19 2.82
N LEU C 95 -8.84 -24.33 3.09
CA LEU C 95 -9.36 -25.62 2.68
C LEU C 95 -9.17 -26.61 3.81
N GLN C 96 -10.24 -27.35 4.11
CA GLN C 96 -10.17 -28.44 5.06
C GLN C 96 -10.50 -29.72 4.30
N GLU C 97 -9.98 -30.84 4.77
CA GLU C 97 -10.03 -32.05 4.00
C GLU C 97 -10.17 -33.31 4.87
N ILE C 98 -10.93 -34.28 4.37
CA ILE C 98 -11.10 -35.56 5.02
C ILE C 98 -11.09 -36.66 3.96
N GLY C 99 -10.28 -37.69 4.19
CA GLY C 99 -10.17 -38.78 3.22
C GLY C 99 -10.05 -40.16 3.84
N PHE C 100 -10.57 -41.17 3.16
CA PHE C 100 -10.48 -42.57 3.58
C PHE C 100 -10.23 -43.44 2.36
N PRO C 101 -9.72 -44.66 2.55
CA PRO C 101 -9.54 -45.53 1.38
C PRO C 101 -10.91 -45.81 0.80
N GLY C 102 -11.01 -45.95 -0.52
CA GLY C 102 -12.29 -46.17 -1.17
C GLY C 102 -12.92 -47.49 -0.71
N GLU C 103 -12.09 -48.38 -0.20
CA GLU C 103 -12.50 -49.73 0.12
C GLU C 103 -13.03 -49.83 1.55
N LEU C 104 -12.86 -48.75 2.33
CA LEU C 104 -13.21 -48.77 3.73
C LEU C 104 -14.72 -48.93 3.94
N SER C 105 -15.11 -49.91 4.75
CA SER C 105 -16.53 -50.13 5.05
C SER C 105 -17.07 -48.91 5.78
N LYS C 106 -18.39 -48.72 5.72
CA LYS C 106 -19.00 -47.61 6.42
C LYS C 106 -18.77 -47.76 7.92
N THR C 107 -18.70 -48.98 8.39
CA THR C 107 -18.45 -49.22 9.82
C THR C 107 -17.05 -48.74 10.21
N GLU C 108 -16.04 -49.10 9.40
CA GLU C 108 -14.69 -48.64 9.66
C GLU C 108 -14.54 -47.13 9.53
N VAL C 109 -15.11 -46.54 8.49
CA VAL C 109 -15.08 -45.08 8.40
C VAL C 109 -15.62 -44.44 9.69
N ARG C 110 -16.76 -44.92 10.15
CA ARG C 110 -17.34 -44.35 11.37
C ARG C 110 -16.44 -44.53 12.58
N ARG C 111 -15.73 -45.65 12.63
CA ARG C 111 -14.84 -45.90 13.74
C ARG C 111 -13.68 -44.93 13.70
N ARG C 112 -13.16 -44.66 12.51
CA ARG C 112 -12.09 -43.69 12.35
C ARG C 112 -12.56 -42.28 12.71
N ILE C 113 -13.78 -41.95 12.33
CA ILE C 113 -14.31 -40.63 12.66
C ILE C 113 -14.43 -40.49 14.19
N ASN C 114 -14.94 -41.53 14.84
CA ASN C 114 -15.07 -41.47 16.29
C ASN C 114 -13.73 -41.45 17.00
N ALA C 115 -12.74 -42.13 16.42
CA ALA C 115 -11.41 -42.13 17.00
C ALA C 115 -10.79 -40.73 16.90
N PHE C 116 -10.96 -40.08 15.75
CA PHE C 116 -10.43 -38.73 15.59
C PHE C 116 -11.10 -37.81 16.60
N LEU C 117 -12.41 -37.92 16.72
CA LEU C 117 -13.16 -37.07 17.64
C LEU C 117 -12.85 -37.41 19.09
N GLY C 118 -12.45 -38.65 19.34
CA GLY C 118 -12.16 -39.12 20.69
C GLY C 118 -13.42 -39.54 21.43
#